data_7JZD
#
_entry.id   7JZD
#
_cell.length_a   121.073
_cell.length_b   121.073
_cell.length_c   111.804
_cell.angle_alpha   90.00
_cell.angle_beta   90.00
_cell.angle_gamma   120.00
#
_symmetry.space_group_name_H-M   'P 31 2 1'
#
loop_
_entity.id
_entity.type
_entity.pdbx_description
1 polymer '4-hydroxy-tetrahydrodipicolinate synthase'
2 non-polymer 'POTASSIUM ION'
3 non-polymer GLYCEROL
4 water water
#
_entity_poly.entity_id   1
_entity_poly.type   'polypeptide(L)'
_entity_poly.pdbx_seq_one_letter_code
;MFTGSIVAIVTPMDEKGNVCRASLKKLIDYHVASGTSAIVSVGTTGEWATLNHDEHADVVMMTLDLADGRIPVIAGTGAN
ATAEAISLTQRFNDSGIVGCLTVTPYYNRPSQEGLYQHFKAIAEHTDLPQILYNVPSRTGCDLLPETVGRLAKVKNIIGI
KEATGNLTRVNQIKELVSDDFVLLSGDDASALDFMQLGGHGVISVTANVAARDMAQMCKLAAEGHFAEARVINQRLMPLH
NKLFVEPNPIPVKWACKELGLVATDTLRLPMTPITDSGRETVRAALKHAGLL
;
_entity_poly.pdbx_strand_id   A,B
#
loop_
_chem_comp.id
_chem_comp.type
_chem_comp.name
_chem_comp.formula
GOL non-polymer GLYCEROL 'C3 H8 O3'
K non-polymer 'POTASSIUM ION' 'K 1'
#
# COMPACT_ATOMS: atom_id res chain seq x y z
N MET A 1 -20.41 18.56 9.05
CA MET A 1 -20.04 18.09 10.40
C MET A 1 -19.04 16.92 10.29
N PHE A 2 -18.69 16.32 11.43
CA PHE A 2 -17.94 15.05 11.48
C PHE A 2 -18.68 14.01 12.40
N THR A 3 -19.98 13.81 12.15
CA THR A 3 -20.90 13.05 12.95
C THR A 3 -22.07 12.55 12.06
N GLY A 4 -22.82 11.52 12.47
CA GLY A 4 -23.89 10.97 11.65
C GLY A 4 -23.37 10.16 10.48
N SER A 5 -24.15 10.07 9.38
CA SER A 5 -23.80 9.27 8.20
C SER A 5 -23.02 10.12 7.20
N ILE A 6 -21.75 9.76 6.98
CA ILE A 6 -20.88 10.44 6.09
C ILE A 6 -20.60 9.49 4.95
N VAL A 7 -20.87 9.91 3.70
CA VAL A 7 -20.74 9.02 2.56
C VAL A 7 -19.29 9.02 2.05
N ALA A 8 -18.76 7.81 1.82
CA ALA A 8 -17.50 7.63 1.09
C ALA A 8 -17.89 7.52 -0.38
N ILE A 9 -17.97 8.65 -1.04
CA ILE A 9 -18.67 8.72 -2.31
C ILE A 9 -17.84 8.19 -3.47
N VAL A 10 -18.49 7.44 -4.33
CA VAL A 10 -17.93 6.98 -5.51
C VAL A 10 -17.55 8.18 -6.44
N THR A 11 -16.51 7.98 -7.24
CA THR A 11 -16.14 8.95 -8.35
C THR A 11 -16.75 8.35 -9.58
N PRO A 12 -17.99 8.80 -9.95
CA PRO A 12 -18.59 8.21 -11.10
C PRO A 12 -17.86 8.54 -12.38
N MET A 13 -17.72 7.58 -13.28
CA MET A 13 -16.96 7.78 -14.49
C MET A 13 -17.78 7.57 -15.73
N ASP A 14 -17.32 8.18 -16.81
CA ASP A 14 -17.74 7.78 -18.16
C ASP A 14 -17.10 6.48 -18.58
N GLU A 15 -17.40 6.00 -19.81
CA GLU A 15 -16.80 4.77 -20.35
C GLU A 15 -15.29 4.85 -20.57
N LYS A 16 -14.77 6.05 -20.68
CA LYS A 16 -13.33 6.34 -20.79
C LYS A 16 -12.62 6.36 -19.46
N GLY A 17 -13.31 6.24 -18.32
CA GLY A 17 -12.60 6.34 -17.09
C GLY A 17 -12.36 7.69 -16.49
N ASN A 18 -13.05 8.73 -17.00
CA ASN A 18 -12.89 10.10 -16.46
C ASN A 18 -14.16 10.51 -15.70
N VAL A 19 -14.06 11.49 -14.80
CA VAL A 19 -15.18 11.83 -13.98
C VAL A 19 -16.38 12.33 -14.81
N CYS A 20 -17.56 11.83 -14.46
CA CYS A 20 -18.83 12.17 -15.11
C CYS A 20 -19.52 13.24 -14.27
N ARG A 21 -19.54 14.46 -14.80
CA ARG A 21 -20.04 15.61 -13.95
C ARG A 21 -21.55 15.43 -13.68
N ALA A 22 -22.30 14.98 -14.69
CA ALA A 22 -23.75 14.81 -14.56
C ALA A 22 -24.08 13.80 -13.47
N SER A 23 -23.36 12.68 -13.52
CA SER A 23 -23.55 11.65 -12.47
C SER A 23 -23.16 12.16 -11.12
N LEU A 24 -22.03 12.86 -10.97
CA LEU A 24 -21.62 13.39 -9.67
C LEU A 24 -22.67 14.38 -9.11
N LYS A 25 -23.18 15.24 -9.99
CA LYS A 25 -24.26 16.16 -9.55
C LYS A 25 -25.50 15.43 -9.01
N LYS A 26 -25.89 14.38 -9.69
CA LYS A 26 -27.01 13.61 -9.32
C LYS A 26 -26.80 12.94 -7.97
N LEU A 27 -25.59 12.40 -7.76
CA LEU A 27 -25.27 11.90 -6.44
C LEU A 27 -25.29 12.88 -5.35
N ILE A 28 -24.69 14.03 -5.58
CA ILE A 28 -24.60 15.04 -4.57
C ILE A 28 -26.01 15.58 -4.20
N ASP A 29 -26.84 15.80 -5.20
CA ASP A 29 -28.24 16.17 -4.94
C ASP A 29 -28.98 15.11 -4.11
N TYR A 30 -28.70 13.84 -4.41
CA TYR A 30 -29.29 12.69 -3.69
C TYR A 30 -28.94 12.68 -2.21
N HIS A 31 -27.70 13.01 -1.91
CA HIS A 31 -27.17 13.08 -0.55
C HIS A 31 -27.76 14.27 0.20
N VAL A 32 -27.91 15.37 -0.50
CA VAL A 32 -28.48 16.53 0.14
C VAL A 32 -29.91 16.20 0.49
N ALA A 33 -30.67 15.68 -0.44
CA ALA A 33 -32.05 15.31 -0.19
C ALA A 33 -32.21 14.21 0.86
N SER A 34 -31.24 13.31 0.94
CA SER A 34 -31.35 12.14 1.82
C SER A 34 -31.04 12.41 3.29
N GLY A 35 -30.41 13.49 3.61
CA GLY A 35 -29.98 13.81 4.97
C GLY A 35 -28.58 13.30 5.34
N THR A 36 -27.78 12.90 4.33
CA THR A 36 -26.36 12.56 4.62
C THR A 36 -25.67 13.73 5.26
N SER A 37 -24.80 13.54 6.24
CA SER A 37 -24.15 14.63 6.94
C SER A 37 -22.99 15.30 6.30
N ALA A 38 -22.16 14.53 5.59
CA ALA A 38 -21.03 15.06 4.88
C ALA A 38 -20.62 14.08 3.79
N ILE A 39 -19.76 14.55 2.90
CA ILE A 39 -19.23 13.75 1.81
C ILE A 39 -17.71 13.68 1.91
N VAL A 40 -17.16 12.46 1.88
CA VAL A 40 -15.73 12.29 1.75
C VAL A 40 -15.51 12.10 0.24
N SER A 41 -14.76 13.03 -0.30
CA SER A 41 -14.49 13.11 -1.77
C SER A 41 -13.12 12.51 -2.04
N VAL A 42 -13.07 11.58 -2.98
CA VAL A 42 -11.83 10.91 -3.42
C VAL A 42 -11.12 10.29 -2.20
N GLY A 43 -11.90 9.62 -1.39
CA GLY A 43 -11.35 8.62 -0.44
C GLY A 43 -11.15 7.30 -1.18
N THR A 44 -11.01 6.25 -0.38
CA THR A 44 -10.84 4.91 -0.95
C THR A 44 -11.91 4.46 -1.94
N THR A 45 -13.15 4.66 -1.56
CA THR A 45 -14.27 4.27 -2.37
C THR A 45 -14.41 5.13 -3.63
N GLY A 46 -13.82 6.33 -3.59
CA GLY A 46 -13.74 7.29 -4.73
C GLY A 46 -12.54 7.09 -5.64
N GLU A 47 -11.83 5.98 -5.47
CA GLU A 47 -10.69 5.58 -6.30
C GLU A 47 -9.49 6.48 -6.22
N TRP A 48 -9.26 6.98 -5.04
CA TRP A 48 -8.06 7.73 -4.72
C TRP A 48 -6.82 7.05 -5.22
N ALA A 49 -6.79 5.72 -5.19
CA ALA A 49 -5.56 4.99 -5.64
C ALA A 49 -5.22 5.13 -7.07
N THR A 50 -6.24 5.34 -7.93
CA THR A 50 -6.02 5.37 -9.39
C THR A 50 -6.26 6.68 -10.12
N LEU A 51 -6.59 7.71 -9.37
CA LEU A 51 -6.49 9.12 -9.88
C LEU A 51 -5.17 9.74 -9.58
N ASN A 52 -4.68 10.51 -10.53
CA ASN A 52 -3.46 11.28 -10.27
C ASN A 52 -3.80 12.50 -9.45
N HIS A 53 -2.80 13.22 -8.97
CA HIS A 53 -3.06 14.22 -7.96
C HIS A 53 -3.89 15.35 -8.57
N ASP A 54 -3.68 15.65 -9.86
CA ASP A 54 -4.52 16.70 -10.50
C ASP A 54 -5.93 16.26 -10.68
N GLU A 55 -6.10 15.02 -11.14
CA GLU A 55 -7.47 14.48 -11.31
C GLU A 55 -8.21 14.47 -9.98
N HIS A 56 -7.49 14.10 -8.95
CA HIS A 56 -8.02 14.03 -7.59
C HIS A 56 -8.54 15.45 -7.17
N ALA A 57 -7.67 16.43 -7.36
CA ALA A 57 -8.03 17.84 -7.01
C ALA A 57 -9.24 18.27 -7.87
N ASP A 58 -9.24 17.97 -9.16
CA ASP A 58 -10.40 18.32 -10.00
C ASP A 58 -11.71 17.78 -9.49
N VAL A 59 -11.72 16.50 -9.06
CA VAL A 59 -12.88 15.91 -8.47
C VAL A 59 -13.29 16.62 -7.19
N VAL A 60 -12.37 16.90 -6.29
CA VAL A 60 -12.70 17.54 -5.03
C VAL A 60 -13.32 18.96 -5.31
N MET A 61 -12.69 19.70 -6.20
CA MET A 61 -13.14 21.05 -6.54
C MET A 61 -14.51 21.02 -7.18
N MET A 62 -14.80 20.01 -8.02
CA MET A 62 -16.04 19.87 -8.66
C MET A 62 -17.10 19.47 -7.68
N THR A 63 -16.75 18.60 -6.74
CA THR A 63 -17.65 18.21 -5.69
C THR A 63 -18.06 19.38 -4.78
N LEU A 64 -17.14 20.22 -4.43
CA LEU A 64 -17.44 21.39 -3.65
C LEU A 64 -18.39 22.39 -4.41
N ASP A 65 -18.08 22.59 -5.68
CA ASP A 65 -18.88 23.45 -6.56
CA ASP A 65 -18.87 23.48 -6.56
C ASP A 65 -20.31 22.98 -6.64
N LEU A 66 -20.50 21.69 -6.91
CA LEU A 66 -21.77 21.08 -7.00
C LEU A 66 -22.53 21.05 -5.65
N ALA A 67 -21.81 20.86 -4.57
CA ALA A 67 -22.42 20.82 -3.22
C ALA A 67 -23.02 22.24 -2.91
N ASP A 68 -22.33 23.27 -3.38
CA ASP A 68 -22.81 24.65 -3.36
C ASP A 68 -23.21 25.08 -1.96
N GLY A 69 -22.36 24.75 -1.01
CA GLY A 69 -22.60 24.93 0.39
C GLY A 69 -23.73 24.17 1.05
N ARG A 70 -24.41 23.26 0.39
CA ARG A 70 -25.50 22.55 0.99
C ARG A 70 -25.11 21.37 1.88
N ILE A 71 -23.84 20.90 1.77
CA ILE A 71 -23.40 19.67 2.45
C ILE A 71 -21.86 19.76 2.51
N PRO A 72 -21.25 19.58 3.68
CA PRO A 72 -19.80 19.70 3.89
C PRO A 72 -19.07 18.61 3.13
N VAL A 73 -17.86 18.95 2.71
CA VAL A 73 -17.00 18.07 1.89
C VAL A 73 -15.62 17.94 2.58
N ILE A 74 -15.24 16.68 2.80
CA ILE A 74 -13.95 16.32 3.38
C ILE A 74 -13.13 15.69 2.23
N ALA A 75 -11.87 16.05 2.05
CA ALA A 75 -11.10 15.44 0.96
C ALA A 75 -10.27 14.28 1.50
N GLY A 76 -10.19 13.18 0.76
CA GLY A 76 -9.14 12.15 1.03
C GLY A 76 -7.79 12.70 0.69
N THR A 77 -6.82 12.60 1.57
CA THR A 77 -5.55 13.26 1.34
C THR A 77 -4.34 12.43 1.82
N GLY A 78 -4.51 11.19 2.23
CA GLY A 78 -3.12 10.47 2.43
C GLY A 78 -1.81 10.64 1.52
N ALA A 79 -0.58 10.36 2.03
CA ALA A 79 0.50 9.83 1.16
C ALA A 79 1.37 8.96 2.05
N ASN A 80 2.17 8.09 1.45
CA ASN A 80 3.07 7.25 2.29
C ASN A 80 4.40 7.87 2.45
N ALA A 81 4.59 9.08 1.88
CA ALA A 81 5.76 9.87 2.11
C ALA A 81 5.35 11.18 2.85
N THR A 82 6.00 11.55 3.93
CA THR A 82 5.54 12.67 4.81
C THR A 82 5.58 14.02 4.06
N ALA A 83 6.71 14.28 3.41
CA ALA A 83 6.90 15.50 2.57
C ALA A 83 5.86 15.66 1.51
N GLU A 84 5.51 14.57 0.86
CA GLU A 84 4.47 14.55 -0.11
C GLU A 84 3.07 14.73 0.51
N ALA A 85 2.82 14.12 1.68
CA ALA A 85 1.51 14.26 2.26
C ALA A 85 1.29 15.75 2.61
N ILE A 86 2.35 16.42 3.05
CA ILE A 86 2.26 17.82 3.47
C ILE A 86 1.91 18.64 2.21
N SER A 87 2.66 18.47 1.12
CA SER A 87 2.32 19.21 -0.16
C SER A 87 0.99 18.95 -0.70
N LEU A 88 0.63 17.68 -0.78
CA LEU A 88 -0.67 17.28 -1.25
C LEU A 88 -1.83 17.83 -0.43
N THR A 89 -1.63 17.99 0.88
CA THR A 89 -2.65 18.56 1.73
C THR A 89 -2.73 20.08 1.53
N GLN A 90 -1.56 20.72 1.50
CA GLN A 90 -1.43 22.21 1.26
C GLN A 90 -2.25 22.73 0.07
N ARG A 91 -2.37 21.93 -0.92
CA ARG A 91 -3.13 22.27 -2.05
C ARG A 91 -4.61 22.58 -1.77
N PHE A 92 -5.18 21.97 -0.74
CA PHE A 92 -6.57 22.21 -0.41
C PHE A 92 -6.79 23.33 0.62
N ASN A 93 -5.71 23.97 1.10
CA ASN A 93 -5.86 25.09 2.04
C ASN A 93 -6.73 26.14 1.33
N ASP A 94 -7.69 26.67 2.03
CA ASP A 94 -8.65 27.59 1.38
C ASP A 94 -9.46 27.10 0.17
N SER A 95 -9.63 25.80 0.00
CA SER A 95 -10.48 25.30 -1.08
C SER A 95 -11.95 25.43 -0.74
N GLY A 96 -12.31 25.35 0.53
CA GLY A 96 -13.68 25.16 0.92
C GLY A 96 -13.98 23.85 1.61
N ILE A 97 -13.07 22.87 1.53
CA ILE A 97 -13.33 21.64 2.30
C ILE A 97 -13.31 21.99 3.76
N VAL A 98 -14.02 21.20 4.55
CA VAL A 98 -14.02 21.40 5.97
C VAL A 98 -12.96 20.59 6.72
N GLY A 99 -12.39 19.59 6.05
CA GLY A 99 -11.32 18.80 6.69
C GLY A 99 -10.78 17.74 5.69
N CYS A 100 -9.81 16.98 6.16
CA CYS A 100 -9.10 15.99 5.41
C CYS A 100 -9.12 14.60 6.09
N LEU A 101 -9.30 13.56 5.28
CA LEU A 101 -9.30 12.14 5.76
C LEU A 101 -7.95 11.62 5.27
N THR A 102 -7.01 11.51 6.19
CA THR A 102 -5.60 11.29 5.83
C THR A 102 -5.17 9.84 6.18
N VAL A 103 -4.77 9.09 5.19
CA VAL A 103 -4.52 7.67 5.49
C VAL A 103 -3.11 7.41 6.03
N THR A 104 -3.02 6.38 6.84
CA THR A 104 -1.71 5.89 7.35
CA THR A 104 -1.78 5.88 7.31
C THR A 104 -0.89 5.50 6.14
N PRO A 105 0.41 5.80 6.18
CA PRO A 105 1.29 5.30 5.16
C PRO A 105 1.09 3.85 4.92
N TYR A 106 0.98 3.55 3.65
CA TYR A 106 0.73 2.19 3.11
C TYR A 106 2.05 1.65 2.56
N TYR A 107 2.24 0.33 2.59
CA TYR A 107 3.38 -0.34 2.03
C TYR A 107 4.70 -0.27 2.77
N ASN A 108 5.08 0.91 3.30
CA ASN A 108 6.34 1.04 3.97
C ASN A 108 6.38 0.72 5.44
N ARG A 109 5.20 0.46 6.04
CA ARG A 109 5.01 -0.10 7.38
C ARG A 109 5.87 0.57 8.47
N PRO A 110 5.64 1.88 8.65
CA PRO A 110 6.39 2.61 9.61
C PRO A 110 6.07 2.17 11.02
N SER A 111 6.96 2.53 11.93
CA SER A 111 6.76 2.28 13.40
C SER A 111 5.68 3.25 13.93
N GLN A 112 5.20 2.99 15.13
CA GLN A 112 4.28 3.93 15.76
C GLN A 112 4.87 5.30 15.95
N GLU A 113 6.16 5.38 16.21
CA GLU A 113 6.83 6.67 16.30
C GLU A 113 6.86 7.37 14.94
N GLY A 114 7.08 6.59 13.91
CA GLY A 114 6.99 7.08 12.55
C GLY A 114 5.61 7.64 12.17
N LEU A 115 4.56 6.93 12.56
CA LEU A 115 3.16 7.36 12.33
C LEU A 115 2.94 8.68 13.12
N TYR A 116 3.42 8.73 14.36
CA TYR A 116 3.26 9.95 15.12
C TYR A 116 3.94 11.15 14.42
N GLN A 117 5.18 11.00 14.02
CA GLN A 117 5.87 12.07 13.32
C GLN A 117 5.23 12.48 11.96
N HIS A 118 4.75 11.51 11.20
CA HIS A 118 4.10 11.76 9.91
C HIS A 118 2.84 12.63 10.11
N PHE A 119 1.96 12.25 11.01
CA PHE A 119 0.70 12.94 11.19
C PHE A 119 0.90 14.25 11.85
N LYS A 120 1.80 14.30 12.83
CA LYS A 120 2.14 15.56 13.50
C LYS A 120 2.67 16.57 12.48
N ALA A 121 3.53 16.15 11.56
CA ALA A 121 4.07 17.09 10.59
C ALA A 121 3.00 17.60 9.62
N ILE A 122 2.13 16.71 9.15
CA ILE A 122 1.01 17.09 8.31
C ILE A 122 0.14 18.16 9.03
N ALA A 123 -0.23 17.86 10.26
CA ALA A 123 -1.08 18.76 11.06
C ALA A 123 -0.43 20.12 11.31
N GLU A 124 0.89 20.15 11.43
CA GLU A 124 1.58 21.39 11.64
C GLU A 124 1.65 22.29 10.40
N HIS A 125 1.48 21.75 9.20
CA HIS A 125 1.63 22.57 7.99
C HIS A 125 0.30 22.93 7.38
N THR A 126 -0.78 22.80 8.11
CA THR A 126 -2.06 23.18 7.61
C THR A 126 -2.90 23.68 8.73
N ASP A 127 -3.96 24.41 8.39
CA ASP A 127 -4.95 24.74 9.36
C ASP A 127 -6.15 23.87 9.16
N LEU A 128 -6.18 22.96 8.21
CA LEU A 128 -7.39 22.13 8.07
C LEU A 128 -7.47 21.02 9.13
N PRO A 129 -8.67 20.75 9.64
CA PRO A 129 -8.87 19.63 10.56
C PRO A 129 -8.50 18.30 9.86
N GLN A 130 -7.79 17.43 10.57
CA GLN A 130 -7.37 16.10 10.07
C GLN A 130 -8.11 14.97 10.83
N ILE A 131 -8.67 14.04 10.08
CA ILE A 131 -9.28 12.82 10.55
C ILE A 131 -8.33 11.64 10.13
N LEU A 132 -7.81 10.94 11.13
CA LEU A 132 -6.85 9.84 10.90
C LEU A 132 -7.66 8.74 10.34
N TYR A 133 -7.05 7.86 9.56
CA TYR A 133 -7.75 6.78 8.94
C TYR A 133 -6.92 5.49 9.08
N ASN A 134 -7.45 4.56 9.82
CA ASN A 134 -6.75 3.28 10.14
C ASN A 134 -7.43 2.17 9.45
N VAL A 135 -6.76 1.55 8.50
CA VAL A 135 -7.29 0.45 7.74
C VAL A 135 -6.16 -0.55 7.39
N PRO A 136 -5.70 -1.30 8.38
CA PRO A 136 -4.51 -2.15 8.20
C PRO A 136 -4.67 -3.19 7.13
N SER A 137 -5.89 -3.63 6.87
CA SER A 137 -6.08 -4.61 5.74
C SER A 137 -5.63 -4.07 4.37
N ARG A 138 -5.61 -2.76 4.17
CA ARG A 138 -5.17 -2.13 2.95
C ARG A 138 -3.73 -1.64 3.03
N THR A 139 -3.30 -1.23 4.22
CA THR A 139 -2.04 -0.47 4.34
C THR A 139 -0.81 -1.24 4.84
N GLY A 140 -1.09 -2.38 5.49
CA GLY A 140 -0.13 -3.22 6.26
C GLY A 140 0.38 -2.50 7.54
N CYS A 141 -0.31 -1.44 7.97
CA CYS A 141 0.14 -0.63 9.14
C CYS A 141 -1.08 -0.47 10.08
N ASP A 142 -0.93 -0.70 11.39
CA ASP A 142 -2.05 -0.57 12.32
C ASP A 142 -1.73 0.54 13.31
N LEU A 143 -2.46 1.64 13.23
CA LEU A 143 -2.29 2.80 14.10
C LEU A 143 -2.98 2.49 15.44
N LEU A 144 -2.20 2.21 16.48
CA LEU A 144 -2.73 1.72 17.73
C LEU A 144 -3.34 2.85 18.62
N PRO A 145 -4.25 2.49 19.51
CA PRO A 145 -4.85 3.51 20.40
C PRO A 145 -3.87 4.40 21.12
N GLU A 146 -2.75 3.87 21.61
CA GLU A 146 -1.80 4.72 22.31
C GLU A 146 -1.26 5.84 21.45
N THR A 147 -0.98 5.53 20.19
CA THR A 147 -0.57 6.53 19.26
C THR A 147 -1.66 7.54 18.87
N VAL A 148 -2.90 7.09 18.74
CA VAL A 148 -4.05 7.98 18.50
C VAL A 148 -4.16 8.97 19.66
N GLY A 149 -4.05 8.46 20.86
CA GLY A 149 -3.98 9.29 22.06
C GLY A 149 -2.95 10.33 22.03
N ARG A 150 -1.73 10.01 21.57
CA ARG A 150 -0.68 10.99 21.47
C ARG A 150 -1.04 12.03 20.40
N LEU A 151 -1.60 11.58 19.29
CA LEU A 151 -1.90 12.49 18.17
C LEU A 151 -3.11 13.40 18.44
N ALA A 152 -4.06 12.92 19.20
CA ALA A 152 -5.25 13.67 19.54
C ALA A 152 -4.91 14.98 20.35
N LYS A 153 -3.73 15.04 20.88
CA LYS A 153 -3.25 16.23 21.55
C LYS A 153 -2.89 17.29 20.58
N VAL A 154 -2.67 16.96 19.32
CA VAL A 154 -2.32 17.97 18.31
C VAL A 154 -3.58 18.71 17.96
N LYS A 155 -3.53 20.05 17.98
CA LYS A 155 -4.81 20.80 17.95
C LYS A 155 -5.77 20.40 16.81
N ASN A 156 -5.23 20.33 15.60
CA ASN A 156 -6.11 20.11 14.46
C ASN A 156 -6.19 18.62 14.01
N ILE A 157 -5.68 17.71 14.82
CA ILE A 157 -6.08 16.28 14.64
C ILE A 157 -7.31 16.07 15.45
N ILE A 158 -8.44 15.90 14.80
CA ILE A 158 -9.75 16.01 15.47
C ILE A 158 -10.57 14.74 15.60
N GLY A 159 -10.15 13.66 14.93
CA GLY A 159 -10.90 12.43 15.01
C GLY A 159 -10.18 11.30 14.24
N ILE A 160 -10.86 10.16 14.22
CA ILE A 160 -10.38 8.94 13.56
C ILE A 160 -11.48 8.19 12.90
N LYS A 161 -11.19 7.74 11.66
CA LYS A 161 -11.99 6.73 11.05
C LYS A 161 -11.33 5.36 11.32
N GLU A 162 -12.02 4.50 12.08
CA GLU A 162 -11.48 3.22 12.57
C GLU A 162 -12.10 2.14 11.72
N ALA A 163 -11.34 1.68 10.73
CA ALA A 163 -11.90 0.74 9.81
C ALA A 163 -11.38 -0.69 10.03
N THR A 164 -10.92 -1.02 11.22
CA THR A 164 -10.52 -2.40 11.51
C THR A 164 -11.66 -3.35 11.67
N GLY A 165 -12.86 -2.92 12.02
CA GLY A 165 -13.86 -3.87 12.42
C GLY A 165 -13.60 -4.44 13.83
N ASN A 166 -12.58 -3.93 14.52
CA ASN A 166 -12.26 -4.39 15.89
C ASN A 166 -12.94 -3.44 16.91
N LEU A 167 -14.10 -3.84 17.38
CA LEU A 167 -14.94 -2.99 18.25
C LEU A 167 -14.30 -2.64 19.56
N THR A 168 -13.27 -3.39 20.01
CA THR A 168 -12.65 -3.04 21.29
C THR A 168 -11.94 -1.77 21.18
N ARG A 169 -11.58 -1.35 19.98
CA ARG A 169 -10.83 -0.10 19.84
C ARG A 169 -11.66 1.18 20.26
N VAL A 170 -12.95 1.12 20.24
CA VAL A 170 -13.75 2.31 20.48
C VAL A 170 -13.43 2.87 21.85
N ASN A 171 -13.57 2.02 22.88
CA ASN A 171 -13.26 2.46 24.22
C ASN A 171 -11.81 2.53 24.59
N GLN A 172 -10.93 1.84 23.88
CA GLN A 172 -9.54 2.03 24.12
C GLN A 172 -9.05 3.40 23.72
N ILE A 173 -9.56 3.88 22.57
CA ILE A 173 -9.22 5.22 22.11
C ILE A 173 -10.01 6.27 22.95
N LYS A 174 -11.31 6.00 23.22
CA LYS A 174 -12.14 7.02 23.91
C LYS A 174 -11.53 7.34 25.29
N GLU A 175 -10.87 6.36 25.90
CA GLU A 175 -10.36 6.63 27.25
C GLU A 175 -9.11 7.42 27.23
N LEU A 176 -8.45 7.57 26.07
CA LEU A 176 -7.18 8.27 25.96
C LEU A 176 -7.30 9.69 25.34
N VAL A 177 -8.50 10.09 24.92
CA VAL A 177 -8.64 11.31 24.15
C VAL A 177 -9.72 12.16 24.85
N SER A 178 -9.80 13.43 24.56
CA SER A 178 -10.88 14.25 25.16
C SER A 178 -12.23 13.94 24.54
N ASP A 179 -13.29 14.42 25.19
CA ASP A 179 -14.66 14.12 24.82
C ASP A 179 -15.03 14.77 23.48
N ASP A 180 -14.27 15.72 22.97
CA ASP A 180 -14.66 16.21 21.64
C ASP A 180 -13.90 15.56 20.41
N PHE A 181 -12.99 14.62 20.65
CA PHE A 181 -12.38 13.82 19.56
C PHE A 181 -13.44 12.91 18.97
N VAL A 182 -13.58 12.88 17.65
CA VAL A 182 -14.64 12.24 16.98
CA VAL A 182 -14.69 12.14 17.07
C VAL A 182 -14.18 10.79 16.65
N LEU A 183 -15.05 9.84 16.83
CA LEU A 183 -14.76 8.43 16.49
CA LEU A 183 -14.78 8.43 16.56
C LEU A 183 -15.76 8.01 15.50
N LEU A 184 -15.27 7.66 14.31
CA LEU A 184 -16.15 7.21 13.26
C LEU A 184 -15.83 5.81 12.82
N SER A 185 -16.86 5.00 12.58
CA SER A 185 -16.63 3.73 11.96
C SER A 185 -16.25 3.80 10.51
N GLY A 186 -15.35 2.95 10.08
CA GLY A 186 -15.03 2.71 8.70
C GLY A 186 -15.41 1.34 8.24
N ASP A 187 -16.30 0.65 8.96
CA ASP A 187 -16.71 -0.72 8.61
C ASP A 187 -18.22 -0.83 8.74
N ASP A 188 -18.91 -0.77 7.59
CA ASP A 188 -20.37 -0.66 7.60
C ASP A 188 -20.98 -1.78 8.45
N ALA A 189 -20.53 -2.99 8.26
CA ALA A 189 -21.14 -4.15 8.95
C ALA A 189 -21.17 -4.05 10.47
N SER A 190 -20.20 -3.38 11.04
CA SER A 190 -20.10 -3.19 12.53
C SER A 190 -20.34 -1.80 13.00
N ALA A 191 -20.80 -0.90 12.08
CA ALA A 191 -20.88 0.51 12.45
C ALA A 191 -21.95 0.83 13.57
N LEU A 192 -23.08 0.20 13.51
CA LEU A 192 -24.16 0.42 14.53
C LEU A 192 -23.63 -0.01 15.95
N ASP A 193 -23.00 -1.20 15.99
CA ASP A 193 -22.27 -1.65 17.19
C ASP A 193 -21.26 -0.64 17.62
N PHE A 194 -20.49 -0.04 16.68
CA PHE A 194 -19.43 0.90 17.01
C PHE A 194 -20.08 2.14 17.66
N MET A 195 -21.21 2.59 17.06
CA MET A 195 -21.95 3.75 17.64
C MET A 195 -22.54 3.35 19.04
N GLN A 196 -23.07 2.15 19.13
CA GLN A 196 -23.60 1.68 20.44
C GLN A 196 -22.57 1.71 21.54
N LEU A 197 -21.30 1.50 21.20
CA LEU A 197 -20.20 1.63 22.14
C LEU A 197 -19.68 2.99 22.46
N GLY A 198 -20.16 4.00 21.73
CA GLY A 198 -19.75 5.39 22.01
C GLY A 198 -19.24 6.15 20.78
N GLY A 199 -19.18 5.50 19.62
CA GLY A 199 -18.72 6.19 18.40
C GLY A 199 -19.78 7.22 17.94
N HIS A 200 -19.36 8.17 17.09
CA HIS A 200 -20.16 9.37 16.72
C HIS A 200 -20.77 9.33 15.33
N GLY A 201 -20.41 8.29 14.55
CA GLY A 201 -20.95 8.16 13.22
C GLY A 201 -20.17 7.15 12.41
N VAL A 202 -20.32 7.20 11.07
CA VAL A 202 -19.75 6.19 10.16
C VAL A 202 -19.39 6.85 8.84
N ILE A 203 -18.22 6.54 8.30
CA ILE A 203 -17.85 6.90 6.87
C ILE A 203 -18.11 5.68 6.08
N SER A 204 -19.24 5.70 5.38
CA SER A 204 -19.95 4.57 4.89
C SER A 204 -19.89 4.36 3.37
N VAL A 205 -19.71 3.12 2.99
CA VAL A 205 -19.88 2.68 1.61
C VAL A 205 -21.37 2.48 1.27
N THR A 206 -22.07 1.83 2.18
CA THR A 206 -23.48 1.51 2.01
C THR A 206 -24.28 2.82 1.76
N ALA A 207 -23.88 3.90 2.39
CA ALA A 207 -24.61 5.18 2.24
C ALA A 207 -24.64 5.65 0.78
N ASN A 208 -23.77 5.12 -0.09
CA ASN A 208 -23.84 5.53 -1.49
C ASN A 208 -25.20 5.22 -2.10
N VAL A 209 -25.84 4.15 -1.60
CA VAL A 209 -27.02 3.54 -2.29
C VAL A 209 -28.20 3.45 -1.31
N ALA A 210 -27.98 3.78 -0.04
CA ALA A 210 -29.09 3.68 1.00
C ALA A 210 -28.93 4.85 1.90
N ALA A 211 -28.79 6.04 1.29
CA ALA A 211 -28.44 7.21 2.08
C ALA A 211 -29.46 7.61 3.13
N ARG A 212 -30.74 7.50 2.77
CA ARG A 212 -31.77 7.90 3.72
C ARG A 212 -31.78 6.91 4.93
N ASP A 213 -31.73 5.63 4.64
CA ASP A 213 -31.71 4.60 5.69
C ASP A 213 -30.53 4.81 6.59
N MET A 214 -29.34 5.04 6.00
CA MET A 214 -28.15 5.28 6.79
C MET A 214 -28.24 6.52 7.65
N ALA A 215 -28.81 7.60 7.13
CA ALA A 215 -28.91 8.79 7.93
C ALA A 215 -29.91 8.57 9.15
N GLN A 216 -31.04 7.93 8.84
CA GLN A 216 -32.12 7.62 9.89
C GLN A 216 -31.50 6.67 10.93
N MET A 217 -30.75 5.66 10.45
CA MET A 217 -30.01 4.80 11.43
C MET A 217 -29.10 5.51 12.38
N CYS A 218 -28.28 6.39 11.84
CA CYS A 218 -27.36 7.15 12.64
C CYS A 218 -28.04 8.17 13.59
N LYS A 219 -29.11 8.81 13.15
CA LYS A 219 -29.89 9.72 14.05
C LYS A 219 -30.44 8.90 15.26
N LEU A 220 -31.08 7.80 14.98
CA LEU A 220 -31.62 6.92 16.04
C LEU A 220 -30.55 6.50 16.97
N ALA A 221 -29.39 6.14 16.41
CA ALA A 221 -28.31 5.78 17.27
C ALA A 221 -27.87 6.89 18.13
N ALA A 222 -27.70 8.07 17.58
CA ALA A 222 -27.27 9.17 18.40
C ALA A 222 -28.27 9.48 19.53
N GLU A 223 -29.51 9.16 19.31
CA GLU A 223 -30.59 9.47 20.30
C GLU A 223 -30.75 8.32 21.28
N GLY A 224 -29.89 7.30 21.19
CA GLY A 224 -29.99 6.16 22.09
C GLY A 224 -31.04 5.16 21.73
N HIS A 225 -31.69 5.32 20.58
CA HIS A 225 -32.66 4.34 20.13
C HIS A 225 -32.10 3.14 19.36
N PHE A 226 -31.34 2.28 20.07
CA PHE A 226 -30.62 1.24 19.36
C PHE A 226 -31.53 0.18 18.85
N ALA A 227 -32.65 -0.18 19.50
CA ALA A 227 -33.45 -1.27 18.93
C ALA A 227 -34.05 -0.89 17.58
N GLU A 228 -34.49 0.36 17.52
CA GLU A 228 -35.07 0.95 16.31
C GLU A 228 -34.02 0.99 15.14
N ALA A 229 -32.86 1.51 15.50
CA ALA A 229 -31.66 1.59 14.60
C ALA A 229 -31.34 0.22 14.03
N ARG A 230 -31.45 -0.81 14.88
CA ARG A 230 -31.11 -2.15 14.48
C ARG A 230 -32.04 -2.77 13.50
N VAL A 231 -33.30 -2.36 13.51
CA VAL A 231 -34.18 -2.86 12.50
C VAL A 231 -33.70 -2.39 11.08
N ILE A 232 -33.29 -1.13 11.03
CA ILE A 232 -32.78 -0.57 9.77
C ILE A 232 -31.45 -1.32 9.44
N ASN A 233 -30.64 -1.55 10.45
CA ASN A 233 -29.37 -2.27 10.22
C ASN A 233 -29.57 -3.62 9.63
N GLN A 234 -30.58 -4.37 10.11
CA GLN A 234 -30.85 -5.71 9.61
C GLN A 234 -31.31 -5.74 8.17
N ARG A 235 -32.04 -4.70 7.79
CA ARG A 235 -32.48 -4.57 6.43
C ARG A 235 -31.27 -4.33 5.46
N LEU A 236 -30.30 -3.56 5.92
CA LEU A 236 -29.08 -3.17 5.19
C LEU A 236 -27.88 -4.14 5.33
N MET A 237 -28.00 -5.15 6.19
CA MET A 237 -26.83 -5.99 6.54
C MET A 237 -26.35 -6.78 5.32
N PRO A 238 -27.26 -7.32 4.50
CA PRO A 238 -26.70 -7.91 3.31
C PRO A 238 -25.95 -6.96 2.38
N LEU A 239 -26.42 -5.73 2.23
CA LEU A 239 -25.62 -4.73 1.54
C LEU A 239 -24.26 -4.47 2.24
N HIS A 240 -24.25 -4.29 3.53
CA HIS A 240 -23.01 -4.00 4.24
C HIS A 240 -21.98 -5.10 3.93
N ASN A 241 -22.42 -6.33 3.73
CA ASN A 241 -21.53 -7.44 3.46
C ASN A 241 -21.23 -7.57 1.95
N LYS A 242 -22.26 -7.56 1.13
CA LYS A 242 -22.11 -7.91 -0.25
C LYS A 242 -21.61 -6.70 -1.10
N LEU A 243 -21.58 -5.49 -0.55
CA LEU A 243 -20.91 -4.44 -1.33
C LEU A 243 -19.38 -4.70 -1.24
N PHE A 244 -18.96 -5.73 -0.51
CA PHE A 244 -17.56 -6.16 -0.61
C PHE A 244 -17.39 -7.56 -1.15
N VAL A 245 -18.38 -8.03 -1.89
CA VAL A 245 -18.27 -9.33 -2.52
C VAL A 245 -17.15 -9.44 -3.54
N GLU A 246 -16.90 -8.35 -4.21
CA GLU A 246 -15.74 -8.13 -5.00
C GLU A 246 -15.15 -6.84 -4.51
N PRO A 247 -13.88 -6.57 -4.86
CA PRO A 247 -13.19 -5.38 -4.24
C PRO A 247 -13.92 -4.03 -4.40
N ASN A 248 -14.14 -3.33 -3.29
CA ASN A 248 -14.75 -1.99 -3.28
C ASN A 248 -13.92 -1.08 -4.17
N PRO A 249 -14.54 -0.25 -5.04
CA PRO A 249 -15.94 0.05 -5.25
C PRO A 249 -16.60 -0.66 -6.39
N ILE A 250 -16.14 -1.87 -6.79
CA ILE A 250 -16.75 -2.58 -7.89
C ILE A 250 -18.26 -2.82 -7.63
N PRO A 251 -18.62 -3.34 -6.45
CA PRO A 251 -20.06 -3.59 -6.24
C PRO A 251 -20.89 -2.31 -6.10
N VAL A 252 -20.39 -1.37 -5.37
CA VAL A 252 -21.16 -0.19 -5.05
C VAL A 252 -21.33 0.64 -6.33
N LYS A 253 -20.36 0.64 -7.22
CA LYS A 253 -20.61 1.39 -8.53
C LYS A 253 -21.70 0.69 -9.36
N TRP A 254 -21.66 -0.64 -9.45
CA TRP A 254 -22.73 -1.36 -10.15
C TRP A 254 -24.07 -1.04 -9.53
N ALA A 255 -24.14 -1.03 -8.20
CA ALA A 255 -25.37 -0.77 -7.54
C ALA A 255 -25.87 0.62 -7.84
N CYS A 256 -24.96 1.59 -7.78
CA CYS A 256 -25.35 2.95 -8.17
C CYS A 256 -25.92 3.02 -9.59
N LYS A 257 -25.32 2.34 -10.54
CA LYS A 257 -25.82 2.31 -11.92
C LYS A 257 -27.19 1.65 -11.97
N GLU A 258 -27.33 0.51 -11.28
CA GLU A 258 -28.63 -0.21 -11.29
C GLU A 258 -29.77 0.62 -10.68
N LEU A 259 -29.47 1.46 -9.69
CA LEU A 259 -30.43 2.37 -9.14
C LEU A 259 -30.68 3.65 -9.97
N GLY A 260 -29.93 3.89 -11.04
CA GLY A 260 -30.11 5.10 -11.88
C GLY A 260 -29.41 6.29 -11.31
N LEU A 261 -28.53 6.09 -10.34
CA LEU A 261 -27.83 7.19 -9.73
C LEU A 261 -26.62 7.68 -10.55
N VAL A 262 -26.01 6.80 -11.33
CA VAL A 262 -24.92 7.17 -12.18
C VAL A 262 -25.14 6.58 -13.53
N ALA A 263 -24.50 7.14 -14.52
CA ALA A 263 -24.66 6.71 -15.92
C ALA A 263 -23.92 5.45 -16.27
N THR A 264 -22.72 5.24 -15.72
CA THR A 264 -21.97 4.04 -16.05
C THR A 264 -21.25 3.52 -14.72
N ASP A 265 -20.96 2.24 -14.73
CA ASP A 265 -20.27 1.60 -13.60
C ASP A 265 -18.77 1.45 -13.85
N THR A 266 -18.25 2.18 -14.82
CA THR A 266 -16.85 2.07 -15.23
C THR A 266 -15.90 2.40 -14.06
N LEU A 267 -14.78 1.64 -13.99
CA LEU A 267 -13.69 1.87 -13.00
C LEU A 267 -12.39 1.84 -13.69
N ARG A 268 -11.30 2.18 -13.00
CA ARG A 268 -10.00 2.07 -13.57
C ARG A 268 -9.24 0.80 -13.10
N LEU A 269 -8.57 0.17 -14.05
CA LEU A 269 -7.66 -0.94 -13.74
C LEU A 269 -6.66 -0.52 -12.64
N PRO A 270 -6.40 -1.42 -11.65
CA PRO A 270 -6.69 -2.85 -11.63
C PRO A 270 -8.06 -3.27 -11.11
N MET A 271 -8.94 -2.31 -10.85
CA MET A 271 -10.35 -2.70 -10.59
C MET A 271 -10.99 -3.15 -11.87
N THR A 272 -11.77 -4.23 -11.77
CA THR A 272 -12.33 -4.95 -12.89
CA THR A 272 -12.31 -4.79 -12.96
C THR A 272 -13.86 -4.80 -12.90
N PRO A 273 -14.52 -4.95 -14.08
CA PRO A 273 -16.00 -4.93 -14.07
C PRO A 273 -16.58 -6.07 -13.21
N ILE A 274 -17.72 -5.82 -12.63
CA ILE A 274 -18.34 -6.84 -11.74
C ILE A 274 -18.65 -8.13 -12.48
N THR A 275 -18.47 -9.27 -11.81
CA THR A 275 -18.76 -10.54 -12.46
C THR A 275 -20.30 -10.76 -12.45
N ASP A 276 -20.76 -11.69 -13.26
CA ASP A 276 -22.21 -12.07 -13.30
C ASP A 276 -22.68 -12.53 -11.97
N SER A 277 -21.88 -13.36 -11.32
CA SER A 277 -22.26 -13.81 -9.97
C SER A 277 -22.34 -12.67 -8.99
N GLY A 278 -21.39 -11.73 -9.06
CA GLY A 278 -21.43 -10.59 -8.16
C GLY A 278 -22.65 -9.72 -8.37
N ARG A 279 -23.03 -9.51 -9.61
CA ARG A 279 -24.25 -8.75 -9.92
C ARG A 279 -25.46 -9.35 -9.20
N GLU A 280 -25.65 -10.65 -9.36
CA GLU A 280 -26.83 -11.35 -8.76
C GLU A 280 -26.82 -11.23 -7.28
N THR A 281 -25.66 -11.41 -6.68
CA THR A 281 -25.48 -11.17 -5.26
C THR A 281 -25.86 -9.77 -4.78
N VAL A 282 -25.32 -8.74 -5.42
CA VAL A 282 -25.59 -7.38 -5.03
C VAL A 282 -27.07 -7.07 -5.31
N ARG A 283 -27.59 -7.53 -6.43
CA ARG A 283 -29.05 -7.32 -6.73
C ARG A 283 -29.94 -7.90 -5.60
N ALA A 284 -29.64 -9.10 -5.09
CA ALA A 284 -30.41 -9.68 -3.97
C ALA A 284 -30.29 -8.84 -2.73
N ALA A 285 -29.12 -8.28 -2.44
CA ALA A 285 -28.96 -7.36 -1.34
C ALA A 285 -29.76 -6.04 -1.44
N LEU A 286 -29.77 -5.49 -2.65
CA LEU A 286 -30.58 -4.31 -2.91
C LEU A 286 -32.09 -4.67 -2.68
N LYS A 287 -32.54 -5.80 -3.21
CA LYS A 287 -33.98 -6.26 -3.02
C LYS A 287 -34.33 -6.36 -1.53
N HIS A 288 -33.45 -7.00 -0.78
CA HIS A 288 -33.57 -7.12 0.67
C HIS A 288 -33.70 -5.81 1.38
N ALA A 289 -32.93 -4.85 0.97
CA ALA A 289 -33.04 -3.55 1.62
C ALA A 289 -34.27 -2.74 1.11
N GLY A 290 -34.99 -3.28 0.15
CA GLY A 290 -36.19 -2.59 -0.36
C GLY A 290 -35.93 -1.50 -1.36
N LEU A 291 -34.79 -1.54 -2.05
CA LEU A 291 -34.36 -0.40 -2.84
C LEU A 291 -34.60 -0.69 -4.30
N LEU A 292 -34.90 -1.93 -4.60
CA LEU A 292 -35.16 -2.43 -5.92
C LEU A 292 -36.41 -3.23 -5.71
N MET B 1 20.68 -10.50 -15.29
CA MET B 1 20.90 -11.81 -14.60
C MET B 1 19.84 -11.95 -13.49
N PHE B 2 19.24 -13.14 -13.37
CA PHE B 2 17.99 -13.27 -12.55
C PHE B 2 18.04 -14.49 -11.57
N THR B 3 19.25 -14.91 -11.23
CA THR B 3 19.54 -16.09 -10.46
CA THR B 3 19.52 -16.09 -10.46
C THR B 3 20.61 -15.69 -9.38
N GLY B 4 20.78 -16.48 -8.31
CA GLY B 4 21.85 -16.19 -7.36
C GLY B 4 21.44 -15.12 -6.38
N SER B 5 22.43 -14.46 -5.81
CA SER B 5 22.20 -13.40 -4.80
C SER B 5 22.05 -12.03 -5.45
N ILE B 6 20.87 -11.49 -5.42
CA ILE B 6 20.54 -10.23 -6.01
C ILE B 6 20.26 -9.24 -4.86
N VAL B 7 20.97 -8.11 -4.81
CA VAL B 7 20.80 -7.18 -3.67
C VAL B 7 19.67 -6.19 -3.89
N ALA B 8 18.76 -6.09 -2.93
CA ALA B 8 17.75 -5.05 -2.84
C ALA B 8 18.48 -3.85 -2.21
N ILE B 9 19.12 -3.01 -3.04
CA ILE B 9 20.12 -2.04 -2.59
C ILE B 9 19.46 -0.85 -1.91
N VAL B 10 20.09 -0.41 -0.84
CA VAL B 10 19.66 0.84 -0.20
C VAL B 10 19.94 1.97 -1.15
N THR B 11 19.16 3.03 -0.98
CA THR B 11 19.45 4.30 -1.62
C THR B 11 20.13 5.25 -0.56
N PRO B 12 21.46 5.32 -0.55
CA PRO B 12 22.13 6.09 0.50
C PRO B 12 21.81 7.59 0.34
N MET B 13 21.65 8.22 1.50
CA MET B 13 21.29 9.62 1.58
C MET B 13 22.30 10.39 2.52
N ASP B 14 22.50 11.65 2.19
CA ASP B 14 23.16 12.59 3.10
C ASP B 14 22.20 13.03 4.17
N GLU B 15 22.65 13.91 5.09
CA GLU B 15 21.87 14.32 6.28
C GLU B 15 20.66 15.08 5.87
N LYS B 16 20.61 15.58 4.65
CA LYS B 16 19.42 16.26 4.19
C LYS B 16 18.38 15.34 3.54
N GLY B 17 18.67 14.05 3.35
CA GLY B 17 17.73 13.15 2.68
C GLY B 17 17.95 13.03 1.20
N ASN B 18 18.97 13.67 0.65
CA ASN B 18 19.23 13.59 -0.82
C ASN B 18 20.22 12.48 -1.13
N VAL B 19 20.09 11.91 -2.33
CA VAL B 19 20.84 10.72 -2.72
C VAL B 19 22.32 11.11 -2.65
N CYS B 20 23.16 10.21 -2.14
CA CYS B 20 24.60 10.42 -1.96
C CYS B 20 25.32 9.61 -2.95
N ARG B 21 25.77 10.27 -4.04
CA ARG B 21 26.45 9.57 -5.11
C ARG B 21 27.73 8.84 -4.69
N ALA B 22 28.53 9.42 -3.82
CA ALA B 22 29.77 8.81 -3.40
C ALA B 22 29.53 7.46 -2.63
N SER B 23 28.52 7.45 -1.79
CA SER B 23 28.12 6.28 -1.05
C SER B 23 27.58 5.24 -2.03
N LEU B 24 26.79 5.66 -3.00
CA LEU B 24 26.25 4.70 -3.95
C LEU B 24 27.37 4.06 -4.74
N LYS B 25 28.40 4.84 -5.11
CA LYS B 25 29.51 4.26 -5.85
C LYS B 25 30.25 3.23 -5.06
N LYS B 26 30.40 3.49 -3.75
CA LYS B 26 31.08 2.57 -2.83
C LYS B 26 30.31 1.21 -2.76
N LEU B 27 29.00 1.31 -2.63
CA LEU B 27 28.13 0.10 -2.64
C LEU B 27 28.23 -0.65 -3.89
N ILE B 28 28.17 0.02 -5.03
CA ILE B 28 28.19 -0.70 -6.32
C ILE B 28 29.56 -1.40 -6.50
N ASP B 29 30.67 -0.72 -6.21
CA ASP B 29 31.97 -1.34 -6.27
C ASP B 29 32.06 -2.59 -5.37
N TYR B 30 31.47 -2.48 -4.19
CA TYR B 30 31.44 -3.57 -3.24
C TYR B 30 30.70 -4.79 -3.83
N HIS B 31 29.54 -4.53 -4.41
CA HIS B 31 28.78 -5.62 -5.07
C HIS B 31 29.52 -6.22 -6.25
N VAL B 32 30.10 -5.40 -7.09
CA VAL B 32 30.94 -5.95 -8.19
C VAL B 32 32.04 -6.88 -7.61
N ALA B 33 32.71 -6.38 -6.63
CA ALA B 33 33.86 -7.12 -6.04
C ALA B 33 33.45 -8.39 -5.26
N SER B 34 32.25 -8.36 -4.69
CA SER B 34 31.77 -9.42 -3.83
C SER B 34 30.94 -10.50 -4.54
N GLY B 35 30.77 -10.42 -5.84
CA GLY B 35 30.11 -11.49 -6.62
C GLY B 35 28.56 -11.52 -6.58
N THR B 36 27.97 -10.42 -6.17
CA THR B 36 26.50 -10.23 -6.22
C THR B 36 26.10 -10.38 -7.70
N SER B 37 24.99 -11.07 -7.99
CA SER B 37 24.52 -11.28 -9.35
C SER B 37 23.95 -10.12 -10.05
N ALA B 38 23.22 -9.30 -9.33
CA ALA B 38 22.53 -8.12 -9.89
C ALA B 38 22.13 -7.22 -8.76
N ILE B 39 21.70 -6.01 -9.12
CA ILE B 39 21.26 -4.98 -8.20
C ILE B 39 19.80 -4.61 -8.57
N VAL B 40 18.92 -4.69 -7.60
CA VAL B 40 17.59 -4.09 -7.70
C VAL B 40 17.73 -2.67 -7.17
N SER B 41 17.49 -1.71 -8.06
CA SER B 41 17.58 -0.26 -7.81
C SER B 41 16.21 0.31 -7.56
N VAL B 42 16.09 1.06 -6.47
CA VAL B 42 14.83 1.63 -6.03
C VAL B 42 13.71 0.61 -5.95
N GLY B 43 14.01 -0.49 -5.27
CA GLY B 43 12.97 -1.35 -4.70
C GLY B 43 12.53 -0.89 -3.35
N THR B 44 11.84 -1.76 -2.65
CA THR B 44 11.34 -1.50 -1.33
C THR B 44 12.44 -1.03 -0.39
N THR B 45 13.59 -1.74 -0.41
CA THR B 45 14.71 -1.43 0.49
C THR B 45 15.40 -0.14 0.08
N GLY B 46 15.21 0.24 -1.20
CA GLY B 46 15.63 1.52 -1.75
C GLY B 46 14.74 2.72 -1.58
N GLU B 47 13.76 2.62 -0.68
CA GLU B 47 12.78 3.65 -0.37
C GLU B 47 12.05 4.18 -1.62
N TRP B 48 11.71 3.27 -2.54
CA TRP B 48 10.77 3.49 -3.68
C TRP B 48 9.59 4.35 -3.15
N ALA B 49 9.09 4.01 -1.96
CA ALA B 49 7.89 4.74 -1.40
C ALA B 49 8.04 6.22 -1.28
N THR B 50 9.24 6.70 -0.91
CA THR B 50 9.44 8.06 -0.59
C THR B 50 10.26 8.90 -1.54
N LEU B 51 10.65 8.34 -2.68
CA LEU B 51 11.37 9.11 -3.67
C LEU B 51 10.27 9.59 -4.61
N ASN B 52 10.33 10.84 -5.06
CA ASN B 52 9.49 11.27 -6.23
C ASN B 52 9.90 10.63 -7.56
N HIS B 53 9.07 10.73 -8.59
CA HIS B 53 9.42 10.09 -9.90
C HIS B 53 10.74 10.58 -10.49
N ASP B 54 11.07 11.84 -10.31
CA ASP B 54 12.35 12.38 -10.79
C ASP B 54 13.51 11.69 -10.07
N GLU B 55 13.39 11.60 -8.76
CA GLU B 55 14.44 10.98 -7.94
C GLU B 55 14.64 9.49 -8.27
N HIS B 56 13.51 8.85 -8.47
CA HIS B 56 13.45 7.40 -8.76
C HIS B 56 14.24 7.16 -10.07
N ALA B 57 14.02 7.99 -11.08
CA ALA B 57 14.69 7.78 -12.36
C ALA B 57 16.13 8.19 -12.20
N ASP B 58 16.39 9.26 -11.50
CA ASP B 58 17.77 9.65 -11.26
C ASP B 58 18.64 8.62 -10.56
N VAL B 59 18.09 7.92 -9.59
CA VAL B 59 18.85 6.93 -8.85
C VAL B 59 19.09 5.76 -9.76
N VAL B 60 18.10 5.30 -10.50
CA VAL B 60 18.32 4.16 -11.39
C VAL B 60 19.41 4.53 -12.45
N MET B 61 19.29 5.72 -13.04
CA MET B 61 20.30 6.16 -14.04
C MET B 61 21.72 6.31 -13.48
N MET B 62 21.84 6.85 -12.27
CA MET B 62 23.12 6.94 -11.58
C MET B 62 23.69 5.58 -11.24
N THR B 63 22.79 4.65 -10.89
CA THR B 63 23.25 3.29 -10.60
C THR B 63 23.74 2.64 -11.85
N LEU B 64 23.05 2.86 -12.97
CA LEU B 64 23.54 2.28 -14.23
C LEU B 64 24.92 2.88 -14.68
N ASP B 65 25.04 4.18 -14.51
CA ASP B 65 26.29 4.95 -14.89
C ASP B 65 27.45 4.47 -14.04
N LEU B 66 27.23 4.38 -12.72
CA LEU B 66 28.25 3.86 -11.79
C LEU B 66 28.58 2.37 -12.02
N ALA B 67 27.55 1.54 -12.21
CA ALA B 67 27.82 0.13 -12.54
C ALA B 67 28.70 -0.02 -13.79
N ASP B 68 28.48 0.86 -14.75
CA ASP B 68 29.33 0.88 -15.97
C ASP B 68 29.45 -0.48 -16.65
N GLY B 69 28.35 -1.20 -16.76
CA GLY B 69 28.33 -2.50 -17.37
C GLY B 69 28.94 -3.67 -16.58
N ARG B 70 29.39 -3.43 -15.35
CA ARG B 70 30.03 -4.46 -14.59
C ARG B 70 29.05 -5.46 -13.85
N ILE B 71 27.86 -5.00 -13.63
CA ILE B 71 26.79 -5.78 -12.90
C ILE B 71 25.43 -5.34 -13.47
N PRO B 72 24.52 -6.28 -13.71
CA PRO B 72 23.20 -5.90 -14.20
C PRO B 72 22.34 -5.19 -13.17
N VAL B 73 21.50 -4.27 -13.65
CA VAL B 73 20.59 -3.48 -12.86
C VAL B 73 19.12 -3.80 -13.25
N ILE B 74 18.31 -4.01 -12.23
CA ILE B 74 16.86 -4.23 -12.35
C ILE B 74 16.22 -3.05 -11.67
N ALA B 75 15.23 -2.38 -12.29
CA ALA B 75 14.57 -1.30 -11.61
C ALA B 75 13.28 -1.71 -10.92
N GLY B 76 13.03 -1.13 -9.77
CA GLY B 76 11.74 -1.23 -9.12
C GLY B 76 10.74 -0.36 -9.86
N THR B 77 9.63 -0.91 -10.29
CA THR B 77 8.71 -0.18 -11.20
C THR B 77 7.22 -0.37 -10.90
N GLY B 78 6.87 -1.00 -9.81
CA GLY B 78 5.40 -1.15 -9.62
C GLY B 78 4.54 0.14 -9.52
N ALA B 79 3.23 -0.01 -9.70
CA ALA B 79 2.26 1.00 -9.20
C ALA B 79 0.91 0.38 -8.97
N ASN B 80 0.06 1.07 -8.23
CA ASN B 80 -1.26 0.48 -7.93
C ASN B 80 -2.33 0.87 -8.91
N ALA B 81 -1.96 1.69 -9.90
CA ALA B 81 -2.85 1.97 -11.06
C ALA B 81 -2.14 1.47 -12.28
N THR B 82 -2.87 0.76 -13.12
CA THR B 82 -2.27 0.05 -14.21
C THR B 82 -1.68 1.05 -15.25
N ALA B 83 -2.41 2.12 -15.50
CA ALA B 83 -1.93 3.16 -16.46
C ALA B 83 -0.65 3.82 -16.01
N GLU B 84 -0.51 4.07 -14.71
CA GLU B 84 0.70 4.53 -14.13
C GLU B 84 1.90 3.60 -14.21
N ALA B 85 1.65 2.33 -13.94
CA ALA B 85 2.67 1.33 -14.05
C ALA B 85 3.22 1.28 -15.49
N ILE B 86 2.30 1.34 -16.44
CA ILE B 86 2.70 1.32 -17.87
C ILE B 86 3.57 2.56 -18.14
N SER B 87 3.09 3.70 -17.73
CA SER B 87 3.75 4.99 -17.93
CA SER B 87 3.79 4.99 -17.96
C SER B 87 5.17 4.99 -17.40
N LEU B 88 5.32 4.59 -16.13
CA LEU B 88 6.65 4.56 -15.48
C LEU B 88 7.56 3.51 -16.17
N THR B 89 6.98 2.41 -16.62
CA THR B 89 7.83 1.41 -17.27
C THR B 89 8.38 1.92 -18.57
N GLN B 90 7.54 2.64 -19.33
CA GLN B 90 8.05 3.27 -20.61
C GLN B 90 9.29 4.11 -20.45
N ARG B 91 9.32 4.86 -19.39
CA ARG B 91 10.43 5.75 -19.07
C ARG B 91 11.76 4.99 -18.96
N PHE B 92 11.75 3.68 -18.63
CA PHE B 92 13.00 2.87 -18.57
C PHE B 92 13.36 2.06 -19.76
N ASN B 93 12.46 2.00 -20.74
CA ASN B 93 12.75 1.22 -21.96
C ASN B 93 14.06 1.81 -22.57
N ASP B 94 14.96 1.00 -23.09
CA ASP B 94 16.22 1.56 -23.60
C ASP B 94 17.12 2.31 -22.59
N SER B 95 16.83 2.26 -21.28
CA SER B 95 17.70 2.83 -20.25
C SER B 95 19.02 2.09 -20.08
N GLY B 96 19.06 0.78 -20.34
CA GLY B 96 20.14 -0.11 -19.99
C GLY B 96 19.86 -1.09 -18.81
N ILE B 97 18.73 -0.91 -18.13
CA ILE B 97 18.31 -1.95 -17.13
C ILE B 97 18.03 -3.23 -17.89
N VAL B 98 18.18 -4.38 -17.22
CA VAL B 98 17.96 -5.67 -17.78
C VAL B 98 16.54 -6.15 -17.52
N GLY B 99 15.81 -5.46 -16.64
CA GLY B 99 14.50 -5.93 -16.18
C GLY B 99 13.86 -5.05 -15.16
N CYS B 100 12.58 -5.32 -14.90
CA CYS B 100 11.80 -4.58 -13.93
C CYS B 100 11.27 -5.52 -12.84
N LEU B 101 11.23 -5.00 -11.63
CA LEU B 101 10.62 -5.71 -10.46
C LEU B 101 9.33 -4.95 -10.17
N THR B 102 8.20 -5.60 -10.47
CA THR B 102 6.92 -4.87 -10.45
C THR B 102 5.99 -5.42 -9.39
N VAL B 103 5.71 -4.62 -8.38
CA VAL B 103 4.86 -5.12 -7.26
C VAL B 103 3.35 -5.15 -7.55
N THR B 104 2.70 -6.07 -6.86
CA THR B 104 1.23 -6.17 -6.92
CA THR B 104 1.26 -6.22 -6.85
C THR B 104 0.70 -4.84 -6.43
N PRO B 105 -0.37 -4.34 -7.08
CA PRO B 105 -1.07 -3.17 -6.55
C PRO B 105 -1.29 -3.30 -5.05
N TYR B 106 -0.93 -2.23 -4.38
CA TYR B 106 -1.05 -2.04 -2.94
C TYR B 106 -2.27 -1.18 -2.62
N TYR B 107 -2.84 -1.37 -1.45
CA TYR B 107 -3.99 -0.54 -0.94
C TYR B 107 -5.37 -0.86 -1.58
N ASN B 108 -5.46 -0.98 -2.91
CA ASN B 108 -6.77 -1.12 -3.53
C ASN B 108 -7.24 -2.56 -3.65
N ARG B 109 -6.38 -3.52 -3.26
CA ARG B 109 -6.79 -4.92 -3.10
C ARG B 109 -7.58 -5.54 -4.25
N PRO B 110 -6.98 -5.56 -5.42
CA PRO B 110 -7.64 -6.08 -6.59
C PRO B 110 -7.92 -7.57 -6.55
N SER B 111 -8.86 -8.04 -7.36
CA SER B 111 -9.12 -9.50 -7.49
C SER B 111 -7.94 -10.15 -8.25
N GLN B 112 -7.93 -11.49 -8.26
CA GLN B 112 -6.94 -12.23 -9.08
C GLN B 112 -7.07 -11.87 -10.51
N GLU B 113 -8.32 -11.72 -10.98
CA GLU B 113 -8.49 -11.27 -12.40
C GLU B 113 -7.92 -9.85 -12.67
N GLY B 114 -8.17 -8.98 -11.74
CA GLY B 114 -7.54 -7.65 -11.76
C GLY B 114 -6.03 -7.67 -11.81
N LEU B 115 -5.41 -8.52 -10.96
CA LEU B 115 -3.94 -8.72 -10.99
C LEU B 115 -3.49 -9.24 -12.36
N TYR B 116 -4.21 -10.23 -12.92
CA TYR B 116 -3.90 -10.74 -14.23
C TYR B 116 -3.93 -9.67 -15.28
N GLN B 117 -4.99 -8.85 -15.29
CA GLN B 117 -5.06 -7.78 -16.29
C GLN B 117 -3.99 -6.71 -16.14
N HIS B 118 -3.65 -6.39 -14.91
CA HIS B 118 -2.67 -5.39 -14.55
C HIS B 118 -1.34 -5.77 -15.10
N PHE B 119 -0.89 -6.98 -14.72
CA PHE B 119 0.42 -7.41 -15.14
C PHE B 119 0.51 -7.74 -16.60
N LYS B 120 -0.55 -8.30 -17.18
CA LYS B 120 -0.58 -8.57 -18.62
C LYS B 120 -0.44 -7.29 -19.42
N ALA B 121 -1.12 -6.27 -18.98
CA ALA B 121 -1.04 -5.01 -19.71
C ALA B 121 0.34 -4.35 -19.59
N ILE B 122 0.94 -4.37 -18.38
CA ILE B 122 2.28 -3.84 -18.23
C ILE B 122 3.26 -4.53 -19.22
N ALA B 123 3.16 -5.86 -19.26
CA ALA B 123 4.11 -6.66 -20.05
C ALA B 123 3.90 -6.40 -21.52
N GLU B 124 2.62 -6.22 -21.88
CA GLU B 124 2.28 -5.97 -23.33
C GLU B 124 2.98 -4.76 -23.89
N HIS B 125 3.13 -3.74 -23.06
CA HIS B 125 3.65 -2.41 -23.44
C HIS B 125 5.14 -2.14 -23.21
N THR B 126 5.97 -3.19 -23.16
CA THR B 126 7.43 -3.08 -23.03
C THR B 126 8.07 -4.26 -23.60
N ASP B 127 9.35 -4.16 -23.97
CA ASP B 127 10.10 -5.36 -24.27
C ASP B 127 10.86 -5.81 -23.06
N LEU B 128 10.79 -5.07 -21.96
CA LEU B 128 11.67 -5.45 -20.81
C LEU B 128 11.12 -6.68 -20.09
N PRO B 129 12.00 -7.61 -19.69
CA PRO B 129 11.58 -8.62 -18.71
C PRO B 129 10.99 -8.05 -17.41
N GLN B 130 9.91 -8.68 -16.94
CA GLN B 130 9.19 -8.29 -15.75
C GLN B 130 9.29 -9.46 -14.74
N ILE B 131 9.64 -9.08 -13.53
CA ILE B 131 9.63 -9.99 -12.38
C ILE B 131 8.51 -9.56 -11.46
N LEU B 132 7.51 -10.41 -11.29
CA LEU B 132 6.35 -10.11 -10.41
C LEU B 132 6.81 -10.07 -8.95
N TYR B 133 6.23 -9.24 -8.10
CA TYR B 133 6.64 -9.13 -6.69
C TYR B 133 5.44 -9.25 -5.82
N ASN B 134 5.38 -10.35 -5.05
CA ASN B 134 4.31 -10.66 -4.17
C ASN B 134 4.75 -10.45 -2.72
N VAL B 135 4.12 -9.48 -2.05
CA VAL B 135 4.45 -9.14 -0.64
C VAL B 135 3.20 -8.69 0.12
N PRO B 136 2.29 -9.64 0.45
CA PRO B 136 0.98 -9.34 1.01
C PRO B 136 1.03 -8.54 2.32
N SER B 137 2.08 -8.75 3.08
CA SER B 137 2.25 -7.98 4.32
C SER B 137 2.36 -6.48 4.08
N ARG B 138 2.79 -6.07 2.90
CA ARG B 138 2.88 -4.68 2.58
C ARG B 138 1.72 -4.10 1.73
N THR B 139 1.12 -4.93 0.91
CA THR B 139 0.20 -4.46 -0.16
C THR B 139 -1.26 -4.74 0.16
N GLY B 140 -1.51 -5.63 1.07
CA GLY B 140 -2.86 -6.15 1.33
C GLY B 140 -3.40 -7.10 0.28
N CYS B 141 -2.59 -7.57 -0.65
CA CYS B 141 -3.16 -8.51 -1.63
CA CYS B 141 -3.04 -8.38 -1.81
C CYS B 141 -2.13 -9.62 -1.94
N ASP B 142 -2.66 -10.78 -2.27
CA ASP B 142 -1.77 -11.97 -2.37
C ASP B 142 -1.97 -12.55 -3.76
N LEU B 143 -0.94 -12.41 -4.57
CA LEU B 143 -0.90 -13.03 -5.94
C LEU B 143 -0.74 -14.56 -5.83
N LEU B 144 -1.82 -15.30 -6.05
CA LEU B 144 -1.81 -16.73 -5.84
C LEU B 144 -1.18 -17.53 -6.98
N PRO B 145 -0.68 -18.74 -6.69
CA PRO B 145 0.01 -19.56 -7.73
C PRO B 145 -0.73 -19.75 -9.03
N GLU B 146 -2.05 -19.95 -8.97
CA GLU B 146 -2.82 -20.07 -10.21
C GLU B 146 -2.68 -18.86 -11.14
N THR B 147 -2.75 -17.68 -10.56
CA THR B 147 -2.60 -16.47 -11.33
C THR B 147 -1.17 -16.27 -11.82
N VAL B 148 -0.18 -16.67 -11.01
CA VAL B 148 1.20 -16.64 -11.49
C VAL B 148 1.35 -17.54 -12.69
N GLY B 149 0.71 -18.70 -12.63
CA GLY B 149 0.66 -19.66 -13.78
C GLY B 149 0.10 -19.07 -15.06
N ARG B 150 -1.02 -18.37 -14.97
CA ARG B 150 -1.57 -17.64 -16.11
C ARG B 150 -0.61 -16.58 -16.65
N LEU B 151 0.01 -15.79 -15.75
CA LEU B 151 0.91 -14.76 -16.16
C LEU B 151 2.24 -15.23 -16.73
N ALA B 152 2.71 -16.36 -16.28
CA ALA B 152 3.98 -16.91 -16.76
C ALA B 152 3.88 -17.24 -18.31
N LYS B 153 2.67 -17.41 -18.80
CA LYS B 153 2.47 -17.65 -20.28
C LYS B 153 2.76 -16.39 -21.10
N VAL B 154 2.78 -15.19 -20.48
CA VAL B 154 3.05 -13.94 -21.17
C VAL B 154 4.54 -13.86 -21.40
N LYS B 155 5.02 -13.63 -22.66
CA LYS B 155 6.40 -13.92 -23.03
C LYS B 155 7.48 -13.27 -22.13
N ASN B 156 7.24 -11.99 -21.83
CA ASN B 156 8.00 -11.00 -21.07
CA ASN B 156 8.23 -11.24 -21.03
C ASN B 156 7.90 -11.13 -19.52
N ILE B 157 6.99 -11.97 -19.04
CA ILE B 157 6.83 -12.13 -17.55
C ILE B 157 7.70 -13.29 -17.26
N ILE B 158 8.85 -13.07 -16.63
CA ILE B 158 9.89 -14.08 -16.61
C ILE B 158 10.16 -14.71 -15.23
N GLY B 159 9.59 -14.15 -14.17
CA GLY B 159 9.73 -14.72 -12.88
C GLY B 159 9.01 -13.97 -11.79
N ILE B 160 9.21 -14.46 -10.55
CA ILE B 160 8.54 -13.88 -9.38
C ILE B 160 9.49 -13.79 -8.19
N LYS B 161 9.40 -12.68 -7.47
CA LYS B 161 10.00 -12.50 -6.16
C LYS B 161 8.86 -12.77 -5.17
N GLU B 162 8.97 -13.90 -4.49
CA GLU B 162 7.94 -14.41 -3.61
C GLU B 162 8.35 -14.09 -2.18
N ALA B 163 7.74 -13.04 -1.64
CA ALA B 163 8.11 -12.53 -0.38
C ALA B 163 7.12 -12.91 0.73
N THR B 164 6.26 -13.90 0.58
CA THR B 164 5.37 -14.27 1.71
C THR B 164 6.08 -14.99 2.85
N GLY B 165 7.20 -15.61 2.56
CA GLY B 165 7.76 -16.53 3.52
C GLY B 165 7.02 -17.87 3.65
N ASN B 166 6.06 -18.13 2.76
CA ASN B 166 5.27 -19.34 2.76
C ASN B 166 5.91 -20.26 1.73
N LEU B 167 6.65 -21.22 2.24
CA LEU B 167 7.51 -22.05 1.42
C LEU B 167 6.71 -23.03 0.56
N THR B 168 5.44 -23.33 0.93
CA THR B 168 4.62 -24.17 0.03
C THR B 168 4.41 -23.57 -1.37
N ARG B 169 4.63 -22.26 -1.52
CA ARG B 169 4.39 -21.56 -2.81
C ARG B 169 5.39 -21.95 -3.84
N VAL B 170 6.63 -22.36 -3.42
CA VAL B 170 7.63 -22.71 -4.37
C VAL B 170 7.21 -23.78 -5.35
N ASN B 171 6.77 -24.93 -4.84
CA ASN B 171 6.38 -26.01 -5.78
C ASN B 171 4.94 -25.91 -6.33
N GLN B 172 4.10 -25.11 -5.69
CA GLN B 172 2.78 -24.75 -6.25
C GLN B 172 2.96 -23.96 -7.52
N ILE B 173 3.85 -23.00 -7.49
CA ILE B 173 4.19 -22.21 -8.67
C ILE B 173 4.96 -23.01 -9.71
N LYS B 174 6.01 -23.75 -9.28
CA LYS B 174 6.86 -24.47 -10.21
C LYS B 174 6.07 -25.43 -11.06
N GLU B 175 5.11 -26.07 -10.46
CA GLU B 175 4.42 -27.03 -11.27
C GLU B 175 3.51 -26.42 -12.34
N LEU B 176 3.24 -25.13 -12.26
CA LEU B 176 2.36 -24.45 -13.19
C LEU B 176 3.06 -23.66 -14.22
N VAL B 177 4.39 -23.58 -14.17
CA VAL B 177 5.15 -22.70 -15.03
C VAL B 177 6.19 -23.52 -15.72
N SER B 178 6.76 -22.96 -16.78
CA SER B 178 7.83 -23.64 -17.49
C SER B 178 9.17 -23.59 -16.75
N ASP B 179 10.05 -24.52 -17.07
CA ASP B 179 11.33 -24.60 -16.38
C ASP B 179 12.18 -23.40 -16.54
N ASP B 180 11.93 -22.47 -17.45
CA ASP B 180 12.76 -21.29 -17.46
C ASP B 180 12.20 -20.10 -16.63
N PHE B 181 11.07 -20.26 -15.99
CA PHE B 181 10.50 -19.23 -15.14
C PHE B 181 11.31 -19.21 -13.81
N VAL B 182 11.77 -18.01 -13.42
CA VAL B 182 12.66 -17.83 -12.31
CA VAL B 182 12.64 -17.92 -12.24
C VAL B 182 11.84 -17.61 -11.00
N LEU B 183 12.15 -18.39 -9.99
CA LEU B 183 11.56 -18.26 -8.66
CA LEU B 183 11.54 -18.21 -8.64
C LEU B 183 12.62 -17.67 -7.69
N LEU B 184 12.37 -16.49 -7.13
CA LEU B 184 13.32 -15.77 -6.30
C LEU B 184 12.67 -15.53 -4.95
N SER B 185 13.40 -15.85 -3.90
CA SER B 185 12.90 -15.55 -2.57
C SER B 185 12.96 -14.08 -2.32
N GLY B 186 11.93 -13.53 -1.68
CA GLY B 186 11.96 -12.19 -1.12
C GLY B 186 11.95 -12.15 0.38
N ASP B 187 12.32 -13.28 1.00
CA ASP B 187 12.33 -13.38 2.52
C ASP B 187 13.66 -13.97 2.98
N ASP B 188 14.60 -13.11 3.39
CA ASP B 188 15.93 -13.58 3.68
C ASP B 188 15.93 -14.75 4.68
N ALA B 189 15.13 -14.69 5.75
CA ALA B 189 15.17 -15.73 6.74
C ALA B 189 14.80 -17.14 6.24
N SER B 190 13.99 -17.23 5.21
CA SER B 190 13.55 -18.51 4.59
C SER B 190 14.14 -18.76 3.22
N ALA B 191 15.08 -17.93 2.79
CA ALA B 191 15.57 -17.99 1.42
C ALA B 191 16.37 -19.26 1.09
N LEU B 192 17.22 -19.71 1.98
CA LEU B 192 17.90 -20.98 1.73
C LEU B 192 16.93 -22.16 1.57
N ASP B 193 15.97 -22.23 2.46
CA ASP B 193 14.86 -23.25 2.36
C ASP B 193 14.17 -23.15 1.00
N PHE B 194 13.86 -21.91 0.61
CA PHE B 194 13.22 -21.59 -0.70
C PHE B 194 14.03 -22.15 -1.89
N MET B 195 15.34 -21.93 -1.85
CA MET B 195 16.24 -22.49 -2.91
C MET B 195 16.32 -24.01 -2.83
N GLN B 196 16.34 -24.58 -1.62
CA GLN B 196 16.41 -26.01 -1.50
C GLN B 196 15.16 -26.67 -2.10
N LEU B 197 14.03 -26.01 -1.98
CA LEU B 197 12.77 -26.48 -2.55
C LEU B 197 12.67 -26.33 -4.08
N GLY B 198 13.59 -25.59 -4.67
CA GLY B 198 13.66 -25.42 -6.13
C GLY B 198 13.77 -23.99 -6.61
N GLY B 199 13.77 -23.05 -5.67
CA GLY B 199 14.01 -21.66 -6.04
C GLY B 199 15.42 -21.40 -6.61
N HIS B 200 15.54 -20.32 -7.34
CA HIS B 200 16.67 -20.05 -8.16
C HIS B 200 17.63 -18.97 -7.58
N GLY B 201 17.21 -18.30 -6.52
CA GLY B 201 18.00 -17.21 -5.93
C GLY B 201 17.15 -16.42 -4.96
N VAL B 202 17.66 -15.25 -4.61
CA VAL B 202 17.08 -14.35 -3.59
C VAL B 202 17.29 -12.91 -3.90
N ILE B 203 16.24 -12.10 -3.73
CA ILE B 203 16.34 -10.68 -3.80
C ILE B 203 16.41 -10.23 -2.36
N SER B 204 17.64 -9.87 -1.93
CA SER B 204 18.04 -9.93 -0.50
C SER B 204 18.34 -8.56 0.11
N VAL B 205 17.86 -8.35 1.32
CA VAL B 205 18.30 -7.26 2.18
C VAL B 205 19.65 -7.52 2.81
N THR B 206 19.85 -8.71 3.39
CA THR B 206 21.11 -9.10 4.02
C THR B 206 22.31 -8.92 3.14
N ALA B 207 22.16 -9.22 1.85
CA ALA B 207 23.19 -8.99 0.84
C ALA B 207 23.78 -7.59 0.83
N ASN B 208 23.08 -6.59 1.36
CA ASN B 208 23.64 -5.25 1.45
C ASN B 208 24.90 -5.18 2.27
N VAL B 209 25.01 -6.03 3.29
CA VAL B 209 26.12 -6.03 4.26
C VAL B 209 26.89 -7.31 4.31
N ALA B 210 26.39 -8.35 3.65
CA ALA B 210 27.09 -9.62 3.62
C ALA B 210 27.09 -10.21 2.26
N ALA B 211 27.57 -9.44 1.33
CA ALA B 211 27.40 -9.77 -0.08
C ALA B 211 28.14 -11.05 -0.49
N ARG B 212 29.36 -11.18 -0.02
CA ARG B 212 30.15 -12.36 -0.41
C ARG B 212 29.64 -13.65 0.15
N ASP B 213 29.27 -13.62 1.42
CA ASP B 213 28.72 -14.81 2.02
C ASP B 213 27.35 -15.20 1.37
N MET B 214 26.55 -14.21 1.07
CA MET B 214 25.28 -14.43 0.33
C MET B 214 25.49 -15.04 -1.04
N ALA B 215 26.47 -14.52 -1.77
CA ALA B 215 26.74 -15.00 -3.12
C ALA B 215 27.29 -16.46 -3.03
N GLN B 216 28.18 -16.75 -2.09
CA GLN B 216 28.64 -18.14 -1.89
C GLN B 216 27.52 -19.11 -1.47
N MET B 217 26.71 -18.69 -0.53
CA MET B 217 25.52 -19.48 -0.11
C MET B 217 24.63 -19.82 -1.29
N CYS B 218 24.33 -18.85 -2.14
CA CYS B 218 23.44 -19.12 -3.25
C CYS B 218 24.05 -19.97 -4.28
N LYS B 219 25.37 -19.86 -4.46
CA LYS B 219 26.04 -20.80 -5.41
C LYS B 219 26.04 -22.21 -4.87
N LEU B 220 26.39 -22.41 -3.59
CA LEU B 220 26.36 -23.74 -3.03
C LEU B 220 24.95 -24.37 -3.18
N ALA B 221 23.94 -23.56 -2.85
CA ALA B 221 22.51 -24.02 -3.00
C ALA B 221 22.21 -24.44 -4.44
N ALA B 222 22.63 -23.66 -5.41
CA ALA B 222 22.44 -24.00 -6.82
C ALA B 222 23.11 -25.28 -7.23
N GLU B 223 24.25 -25.59 -6.62
CA GLU B 223 24.96 -26.82 -6.88
C GLU B 223 24.44 -27.98 -6.10
N GLY B 224 23.53 -27.74 -5.17
CA GLY B 224 22.99 -28.83 -4.35
C GLY B 224 23.65 -29.09 -3.05
N HIS B 225 24.61 -28.22 -2.69
CA HIS B 225 25.38 -28.42 -1.52
C HIS B 225 24.74 -27.73 -0.34
N PHE B 226 23.62 -28.27 0.09
CA PHE B 226 22.76 -27.53 1.06
C PHE B 226 23.33 -27.52 2.45
N ALA B 227 24.05 -28.57 2.87
CA ALA B 227 24.63 -28.59 4.19
C ALA B 227 25.70 -27.52 4.32
N GLU B 228 26.50 -27.38 3.29
CA GLU B 228 27.49 -26.34 3.24
C GLU B 228 26.90 -24.88 3.22
N ALA B 229 25.81 -24.72 2.45
CA ALA B 229 25.14 -23.41 2.38
C ALA B 229 24.52 -23.11 3.73
N ARG B 230 24.08 -24.12 4.45
CA ARG B 230 23.36 -23.92 5.68
CA ARG B 230 23.37 -23.93 5.70
C ARG B 230 24.32 -23.47 6.80
N VAL B 231 25.61 -23.83 6.70
CA VAL B 231 26.58 -23.28 7.64
CA VAL B 231 26.56 -23.27 7.69
C VAL B 231 26.66 -21.77 7.53
N ILE B 232 26.70 -21.28 6.31
CA ILE B 232 26.73 -19.85 6.11
C ILE B 232 25.42 -19.22 6.57
N ASN B 233 24.31 -19.82 6.14
CA ASN B 233 23.00 -19.32 6.57
C ASN B 233 22.82 -19.21 8.08
N GLN B 234 23.35 -20.16 8.85
CA GLN B 234 23.24 -20.12 10.31
C GLN B 234 24.00 -18.91 10.89
N ARG B 235 25.16 -18.57 10.32
CA ARG B 235 25.82 -17.36 10.76
C ARG B 235 25.13 -16.05 10.37
N LEU B 236 24.41 -16.06 9.23
CA LEU B 236 23.67 -14.91 8.82
C LEU B 236 22.23 -14.79 9.42
N MET B 237 21.73 -15.81 10.12
CA MET B 237 20.32 -15.88 10.47
C MET B 237 19.95 -14.77 11.44
N PRO B 238 20.84 -14.43 12.39
CA PRO B 238 20.51 -13.22 13.19
C PRO B 238 20.31 -11.94 12.37
N LEU B 239 21.15 -11.65 11.41
CA LEU B 239 20.90 -10.56 10.51
C LEU B 239 19.65 -10.71 9.69
N HIS B 240 19.42 -11.92 9.16
CA HIS B 240 18.19 -12.11 8.37
C HIS B 240 16.98 -11.69 9.18
N ASN B 241 16.95 -12.00 10.49
CA ASN B 241 15.83 -11.56 11.39
C ASN B 241 15.95 -10.12 11.87
N LYS B 242 17.11 -9.74 12.36
CA LYS B 242 17.27 -8.45 13.02
C LYS B 242 17.38 -7.30 12.06
N LEU B 243 17.62 -7.52 10.75
CA LEU B 243 17.45 -6.42 9.84
C LEU B 243 15.99 -5.96 9.69
N PHE B 244 15.08 -6.64 10.36
CA PHE B 244 13.66 -6.23 10.37
C PHE B 244 13.25 -5.94 11.81
N VAL B 245 14.19 -5.71 12.72
CA VAL B 245 13.76 -5.39 14.11
C VAL B 245 13.03 -4.06 14.25
N GLU B 246 13.36 -3.14 13.36
CA GLU B 246 12.60 -1.97 13.04
C GLU B 246 12.36 -1.96 11.56
N PRO B 247 11.43 -1.08 11.07
CA PRO B 247 11.03 -1.19 9.65
C PRO B 247 12.17 -1.06 8.68
N ASN B 248 12.23 -1.96 7.73
CA ASN B 248 13.28 -1.91 6.66
C ASN B 248 13.05 -0.68 5.84
N PRO B 249 14.09 0.09 5.47
CA PRO B 249 15.52 -0.18 5.61
C PRO B 249 16.24 0.53 6.80
N ILE B 250 15.51 0.84 7.84
CA ILE B 250 16.16 1.48 9.02
C ILE B 250 17.41 0.67 9.54
N PRO B 251 17.22 -0.62 9.86
CA PRO B 251 18.37 -1.35 10.36
C PRO B 251 19.46 -1.58 9.37
N VAL B 252 19.15 -1.86 8.10
CA VAL B 252 20.18 -2.11 7.15
C VAL B 252 20.98 -0.85 6.82
N LYS B 253 20.32 0.30 6.75
CA LYS B 253 21.08 1.55 6.55
C LYS B 253 22.04 1.84 7.73
N TRP B 254 21.58 1.59 8.93
CA TRP B 254 22.48 1.79 10.11
C TRP B 254 23.69 0.80 10.03
N ALA B 255 23.40 -0.44 9.66
CA ALA B 255 24.48 -1.41 9.45
C ALA B 255 25.46 -1.02 8.35
N CYS B 256 24.99 -0.47 7.23
CA CYS B 256 25.86 -0.03 6.19
C CYS B 256 26.76 1.14 6.70
N LYS B 257 26.20 2.00 7.53
CA LYS B 257 26.97 3.12 8.05
C LYS B 257 28.03 2.58 9.00
N GLU B 258 27.63 1.66 9.88
CA GLU B 258 28.57 1.09 10.85
C GLU B 258 29.75 0.40 10.15
N LEU B 259 29.54 -0.21 8.98
CA LEU B 259 30.59 -0.88 8.26
CA LEU B 259 30.60 -0.88 8.30
C LEU B 259 31.44 0.06 7.42
N GLY B 260 31.02 1.30 7.33
CA GLY B 260 31.67 2.27 6.45
C GLY B 260 31.27 2.26 5.01
N LEU B 261 30.19 1.54 4.66
CA LEU B 261 29.77 1.44 3.26
C LEU B 261 29.02 2.68 2.72
N VAL B 262 28.36 3.43 3.62
CA VAL B 262 27.73 4.64 3.28
C VAL B 262 28.13 5.68 4.34
N ALA B 263 28.08 6.93 3.95
CA ALA B 263 28.43 8.05 4.83
C ALA B 263 27.42 8.33 5.94
N THR B 264 26.12 8.26 5.66
CA THR B 264 25.14 8.50 6.70
C THR B 264 23.99 7.41 6.64
N ASP B 265 23.33 7.19 7.77
CA ASP B 265 22.19 6.31 7.84
C ASP B 265 20.82 7.00 7.68
N THR B 266 20.83 8.21 7.13
CA THR B 266 19.58 9.02 7.02
C THR B 266 18.55 8.33 6.10
N LEU B 267 17.29 8.44 6.50
CA LEU B 267 16.13 7.96 5.74
C LEU B 267 15.11 9.09 5.63
N ARG B 268 14.05 8.91 4.83
CA ARG B 268 12.96 9.85 4.75
C ARG B 268 11.74 9.45 5.54
N LEU B 269 11.16 10.42 6.26
CA LEU B 269 9.90 10.22 6.94
C LEU B 269 8.89 9.65 5.97
N PRO B 270 8.09 8.66 6.39
CA PRO B 270 7.85 8.30 7.81
C PRO B 270 8.82 7.25 8.44
N MET B 271 9.86 6.89 7.72
CA MET B 271 10.97 6.11 8.36
C MET B 271 11.72 7.06 9.35
N THR B 272 12.04 6.52 10.52
CA THR B 272 12.61 7.17 11.64
C THR B 272 14.02 6.68 11.91
N PRO B 273 14.84 7.50 12.62
CA PRO B 273 16.15 6.92 13.01
C PRO B 273 16.06 5.71 13.90
N ILE B 274 17.03 4.79 13.75
CA ILE B 274 17.07 3.60 14.55
C ILE B 274 17.09 3.91 16.06
N THR B 275 16.37 3.14 16.85
CA THR B 275 16.44 3.31 18.33
C THR B 275 17.74 2.75 18.91
N ASP B 276 18.08 3.11 20.14
CA ASP B 276 19.31 2.57 20.75
C ASP B 276 19.25 1.06 20.91
N SER B 277 18.11 0.58 21.29
CA SER B 277 17.89 -0.83 21.46
C SER B 277 18.08 -1.56 20.11
N GLY B 278 17.58 -0.92 19.04
CA GLY B 278 17.78 -1.47 17.66
C GLY B 278 19.23 -1.52 17.30
N ARG B 279 20.00 -0.47 17.55
CA ARG B 279 21.41 -0.45 17.22
C ARG B 279 22.08 -1.63 17.90
N GLU B 280 21.75 -1.85 19.16
CA GLU B 280 22.45 -2.94 19.88
C GLU B 280 22.12 -4.33 19.36
N THR B 281 20.88 -4.55 18.94
CA THR B 281 20.44 -5.84 18.39
C THR B 281 21.13 -6.06 17.04
N VAL B 282 21.14 -5.02 16.21
CA VAL B 282 21.78 -5.14 14.88
C VAL B 282 23.29 -5.35 15.03
N ARG B 283 23.94 -4.60 15.91
CA ARG B 283 25.38 -4.80 16.03
CA ARG B 283 25.37 -4.78 16.19
C ARG B 283 25.69 -6.22 16.54
N ALA B 284 24.91 -6.77 17.42
CA ALA B 284 25.16 -8.12 17.82
C ALA B 284 25.00 -9.12 16.65
N ALA B 285 24.01 -8.87 15.80
CA ALA B 285 23.84 -9.70 14.57
C ALA B 285 24.98 -9.60 13.58
N LEU B 286 25.54 -8.40 13.41
CA LEU B 286 26.67 -8.18 12.60
C LEU B 286 27.89 -8.95 13.16
N LYS B 287 28.06 -8.88 14.48
CA LYS B 287 29.17 -9.68 15.13
C LYS B 287 28.97 -11.18 14.94
N HIS B 288 27.76 -11.67 15.09
CA HIS B 288 27.46 -13.08 14.82
C HIS B 288 27.83 -13.49 13.36
N ALA B 289 27.64 -12.58 12.40
CA ALA B 289 27.91 -12.87 11.00
C ALA B 289 29.39 -12.79 10.73
N GLY B 290 30.14 -12.24 11.68
CA GLY B 290 31.60 -12.01 11.52
C GLY B 290 31.98 -10.76 10.80
N LEU B 291 31.08 -9.80 10.77
CA LEU B 291 31.35 -8.59 10.01
C LEU B 291 31.92 -7.46 10.86
N LEU B 292 31.69 -7.54 12.16
CA LEU B 292 32.29 -6.63 13.16
C LEU B 292 32.89 -7.59 14.17
K K C . -6.96 17.66 18.78
C1 GOL D . -13.33 -0.53 2.95
O1 GOL D . -12.22 -1.26 3.29
C2 GOL D . -12.92 0.93 3.08
O2 GOL D . -11.80 1.14 4.01
C3 GOL D . -14.29 1.55 3.24
O3 GOL D . -14.36 2.94 3.41
K K E . 7.06 -15.97 -19.76
C1 GOL F . 10.21 -7.74 1.24
O1 GOL F . 9.33 -6.64 0.89
C2 GOL F . 11.11 -6.79 2.03
O2 GOL F . 10.83 -6.94 3.40
C3 GOL F . 12.52 -6.71 1.60
O3 GOL F . 12.78 -6.93 0.21
#